data_3U3W
#
_entry.id   3U3W
#
_cell.length_a   88.880
_cell.length_b   71.088
_cell.length_c   88.853
_cell.angle_alpha   90.00
_cell.angle_beta   115.53
_cell.angle_gamma   90.00
#
_symmetry.space_group_name_H-M   'P 1 21 1'
#
loop_
_entity.id
_entity.type
_entity.pdbx_description
1 polymer 'Transcriptional activator PlcR protein'
2 polymer 'C-terminus heptapeptide from PapR protein'
3 polymer "5'-D(P*CP*TP*AP*TP*GP*CP*AP*AP*TP*AP*TP*TP*TP*CP*AP*TP*AP*T)-3'"
4 polymer "5'-D(P*AP*TP*AP*TP*GP*AP*AP*AP*TP*AP*TP*TP*GP*CP*AP*TP*AP*G)-3'"
5 non-polymer 'CALCIUM ION'
6 water water
#
loop_
_entity_poly.entity_id
_entity_poly.type
_entity_poly.pdbx_seq_one_letter_code
_entity_poly.pdbx_strand_id
1 'polypeptide(L)'
;MQAEKLGSEIKKIRVLRGLTQKQLSENICHQSEVSRIESGAVYPSMDILQGIAAKLQIPIIHFYEVLIYSDIERKKQFKD
QVIMLCKQKRYKEIYNKVWNELKKEEYHPEFQQFLQWQYYVAAYVLKKVDYEYCILELKKLLNQQLTGIDVYQNLYIENA
IANIYAENGYLKKGIDLFEQILKQLEALHDNEEFDVKVRYNHAKALYLDSRYEESLYQVNKAIEISCRINSMALIGQLYY
QRGECLRKLEYEEAEIEDAYKKASFFFDILEMHAYKEALVNKISRLEHHHHHH
;
A,B
2 'polypeptide(L)' ADLPFEF P,Q
3 'polydeoxyribonucleotide' (DC)(DT)(DA)(DT)(DG)(DC)(DA)(DA)(DT)(DA)(DT)(DT)(DT)(DC)(DA)(DT)(DA)(DT) Y
4 'polydeoxyribonucleotide' (DA)(DT)(DA)(DT)(DG)(DA)(DA)(DA)(DT)(DA)(DT)(DT)(DG)(DC)(DA)(DT)(DA)(DG) Z
#
loop_
_chem_comp.id
_chem_comp.type
_chem_comp.name
_chem_comp.formula
CA non-polymer 'CALCIUM ION' 'Ca 2'
DA DNA linking 2'-DEOXYADENOSINE-5'-MONOPHOSPHATE 'C10 H14 N5 O6 P'
DC DNA linking 2'-DEOXYCYTIDINE-5'-MONOPHOSPHATE 'C9 H14 N3 O7 P'
DG DNA linking 2'-DEOXYGUANOSINE-5'-MONOPHOSPHATE 'C10 H14 N5 O7 P'
DT DNA linking THYMIDINE-5'-MONOPHOSPHATE 'C10 H15 N2 O8 P'
#
# COMPACT_ATOMS: atom_id res chain seq x y z
N ALA A 3 -11.61 -2.51 28.63
CA ALA A 3 -10.58 -2.97 27.70
C ALA A 3 -9.16 -2.59 28.15
N GLU A 4 -8.48 -3.56 28.77
N GLU A 4 -8.46 -3.54 28.78
CA GLU A 4 -7.14 -3.37 29.30
CA GLU A 4 -7.12 -3.27 29.27
C GLU A 4 -6.04 -3.64 28.25
C GLU A 4 -6.04 -3.56 28.22
N LYS A 5 -6.44 -4.16 27.10
CA LYS A 5 -5.49 -4.46 26.02
C LYS A 5 -4.95 -3.19 25.36
N LEU A 6 -5.84 -2.25 25.04
CA LEU A 6 -5.42 -0.94 24.52
C LEU A 6 -4.43 -0.28 25.47
N GLY A 7 -4.81 -0.24 26.75
CA GLY A 7 -3.99 0.38 27.79
C GLY A 7 -2.53 -0.04 27.80
N SER A 8 -2.28 -1.34 27.85
CA SER A 8 -0.90 -1.82 27.95
C SER A 8 -0.13 -1.76 26.63
N GLU A 9 -0.86 -1.71 25.53
CA GLU A 9 -0.25 -1.43 24.24
C GLU A 9 0.29 0.00 24.21
N ILE A 10 -0.48 0.93 24.76
CA ILE A 10 -0.02 2.31 24.87
C ILE A 10 1.18 2.43 25.83
N LYS A 11 1.13 1.71 26.95
CA LYS A 11 2.19 1.74 27.96
C LYS A 11 3.46 1.07 27.42
N LYS A 12 3.27 -0.05 26.74
CA LYS A 12 4.36 -0.79 26.12
C LYS A 12 5.12 0.07 25.12
N ILE A 13 4.38 0.78 24.27
CA ILE A 13 4.99 1.62 23.23
C ILE A 13 5.60 2.91 23.80
N ARG A 14 4.99 3.44 24.86
CA ARG A 14 5.54 4.62 25.53
C ARG A 14 6.87 4.30 26.22
N VAL A 15 6.96 3.15 26.87
CA VAL A 15 8.19 2.73 27.52
C VAL A 15 9.25 2.48 26.45
N LEU A 16 8.83 1.82 25.37
CA LEU A 16 9.69 1.52 24.25
C LEU A 16 10.26 2.79 23.61
N ARG A 17 9.56 3.90 23.80
CA ARG A 17 9.98 5.19 23.25
C ARG A 17 10.71 6.02 24.27
N GLY A 18 10.80 5.52 25.50
CA GLY A 18 11.55 6.19 26.55
C GLY A 18 10.86 7.36 27.24
N LEU A 19 9.65 7.68 26.81
CA LEU A 19 8.84 8.73 27.42
C LEU A 19 8.15 8.29 28.72
N THR A 20 7.95 9.25 29.61
CA THR A 20 7.15 9.00 30.80
C THR A 20 5.74 9.51 30.55
N GLN A 21 4.81 9.22 31.47
CA GLN A 21 3.43 9.65 31.32
C GLN A 21 3.33 11.16 31.17
N LYS A 22 4.10 11.88 31.99
CA LYS A 22 4.11 13.34 31.92
C LYS A 22 4.51 13.80 30.53
N GLN A 23 5.59 13.22 29.99
CA GLN A 23 6.10 13.60 28.69
C GLN A 23 5.08 13.35 27.60
N LEU A 24 4.43 12.19 27.68
CA LEU A 24 3.46 11.77 26.70
C LEU A 24 2.24 12.68 26.75
N SER A 25 1.83 13.05 27.95
CA SER A 25 0.60 13.83 28.16
C SER A 25 0.68 15.29 27.68
N GLU A 26 1.89 15.77 27.43
CA GLU A 26 2.11 17.19 27.10
C GLU A 26 1.29 17.72 25.91
N ASN A 27 0.56 18.79 26.16
CA ASN A 27 -0.23 19.45 25.12
C ASN A 27 -1.40 18.61 24.66
N ILE A 28 -1.55 17.44 25.27
CA ILE A 28 -2.62 16.51 24.93
C ILE A 28 -3.63 16.41 26.06
N CYS A 29 -3.15 16.08 27.25
CA CYS A 29 -4.04 15.86 28.41
C CYS A 29 -3.20 15.84 29.68
N HIS A 30 -3.87 15.59 30.81
CA HIS A 30 -3.19 15.49 32.10
C HIS A 30 -2.44 14.15 32.20
N GLN A 31 -1.35 14.12 32.97
CA GLN A 31 -0.59 12.88 33.07
C GLN A 31 -1.44 11.76 33.72
N SER A 32 -2.34 12.14 34.63
CA SER A 32 -3.19 11.19 35.34
C SER A 32 -4.18 10.48 34.40
N GLU A 33 -4.57 11.16 33.32
CA GLU A 33 -5.44 10.55 32.31
C GLU A 33 -4.68 9.53 31.47
N VAL A 34 -3.42 9.80 31.18
CA VAL A 34 -2.55 8.79 30.58
C VAL A 34 -2.49 7.57 31.48
N SER A 35 -2.26 7.78 32.77
CA SER A 35 -2.26 6.69 33.75
C SER A 35 -3.55 5.87 33.65
N ARG A 36 -4.69 6.56 33.63
CA ARG A 36 -5.97 5.87 33.61
C ARG A 36 -6.22 5.16 32.27
N ILE A 37 -5.71 5.74 31.18
CA ILE A 37 -5.77 5.10 29.87
C ILE A 37 -4.93 3.81 29.82
N GLU A 38 -3.73 3.84 30.41
CA GLU A 38 -2.87 2.64 30.42
C GLU A 38 -3.36 1.52 31.34
N SER A 39 -4.16 1.87 32.35
CA SER A 39 -4.66 0.88 33.30
C SER A 39 -5.96 0.23 32.82
N GLY A 40 -6.52 0.74 31.72
CA GLY A 40 -7.71 0.18 31.13
C GLY A 40 -9.01 0.73 31.69
N ALA A 41 -8.91 1.70 32.59
CA ALA A 41 -10.06 2.24 33.30
C ALA A 41 -10.89 3.17 32.43
N VAL A 42 -10.37 3.48 31.26
CA VAL A 42 -10.96 4.51 30.45
C VAL A 42 -10.66 4.29 28.97
N TYR A 43 -11.64 4.55 28.13
CA TYR A 43 -11.41 4.72 26.70
C TYR A 43 -11.11 6.20 26.45
N PRO A 44 -10.06 6.49 25.67
CA PRO A 44 -9.76 7.89 25.37
C PRO A 44 -10.60 8.43 24.22
N SER A 45 -10.86 9.74 24.23
CA SER A 45 -11.56 10.40 23.13
C SER A 45 -10.68 10.55 21.89
N MET A 46 -11.28 10.94 20.77
CA MET A 46 -10.56 11.03 19.51
C MET A 46 -9.37 11.99 19.58
N ASP A 47 -9.60 13.18 20.14
CA ASP A 47 -8.53 14.15 20.33
CA ASP A 47 -8.53 14.15 20.33
C ASP A 47 -7.32 13.54 21.03
N ILE A 48 -7.53 13.03 22.24
CA ILE A 48 -6.46 12.41 23.02
C ILE A 48 -5.78 11.21 22.33
N LEU A 49 -6.55 10.36 21.66
CA LEU A 49 -5.97 9.19 20.99
C LEU A 49 -5.11 9.62 19.82
N GLN A 50 -5.65 10.53 19.03
CA GLN A 50 -4.99 11.12 17.89
C GLN A 50 -3.64 11.70 18.31
N GLY A 51 -3.64 12.47 19.39
CA GLY A 51 -2.43 12.99 19.97
C GLY A 51 -1.44 11.92 20.41
N ILE A 52 -1.89 10.96 21.20
CA ILE A 52 -1.00 9.88 21.65
C ILE A 52 -0.41 9.09 20.48
N ALA A 53 -1.24 8.80 19.48
CA ALA A 53 -0.78 8.07 18.30
C ALA A 53 0.27 8.85 17.52
N ALA A 54 0.07 10.15 17.40
CA ALA A 54 1.02 11.00 16.71
C ALA A 54 2.38 11.04 17.43
N LYS A 55 2.36 11.37 18.72
CA LYS A 55 3.60 11.45 19.48
C LYS A 55 4.37 10.12 19.51
N LEU A 56 3.63 9.01 19.54
CA LEU A 56 4.25 7.69 19.59
C LEU A 56 4.56 7.16 18.19
N GLN A 57 4.13 7.88 17.17
CA GLN A 57 4.34 7.49 15.78
C GLN A 57 3.72 6.12 15.50
N ILE A 58 2.44 6.01 15.77
CA ILE A 58 1.71 4.76 15.54
C ILE A 58 0.47 5.05 14.72
N PRO A 59 0.32 4.34 13.58
CA PRO A 59 -0.92 4.44 12.80
C PRO A 59 -2.11 4.20 13.72
N ILE A 60 -3.09 5.07 13.64
CA ILE A 60 -4.18 5.06 14.61
C ILE A 60 -4.98 3.76 14.55
N ILE A 61 -5.03 3.11 13.39
CA ILE A 61 -5.80 1.88 13.23
C ILE A 61 -5.26 0.79 14.17
N HIS A 62 -3.99 0.94 14.54
CA HIS A 62 -3.36 -0.02 15.43
C HIS A 62 -4.07 -0.10 16.77
N PHE A 63 -4.46 1.04 17.32
CA PHE A 63 -5.11 1.03 18.62
C PHE A 63 -6.51 0.44 18.52
N TYR A 64 -7.13 0.60 17.37
CA TYR A 64 -8.42 -0.04 17.16
C TYR A 64 -8.26 -1.56 16.98
N GLU A 65 -7.26 -1.98 16.23
CA GLU A 65 -7.01 -3.40 16.02
C GLU A 65 -6.90 -4.16 17.33
N VAL A 66 -6.06 -3.67 18.24
CA VAL A 66 -5.83 -4.37 19.49
C VAL A 66 -6.93 -4.13 20.51
N LEU A 67 -7.95 -3.38 20.13
CA LEU A 67 -9.01 -2.99 21.05
C LEU A 67 -9.77 -4.17 21.67
N ILE A 68 -10.11 -5.17 20.87
CA ILE A 68 -11.03 -6.22 21.35
C ILE A 68 -10.43 -7.63 21.40
N TYR A 69 -9.83 -8.07 20.30
CA TYR A 69 -9.29 -9.43 20.23
C TYR A 69 -7.77 -9.48 20.41
N SER A 70 -7.28 -10.65 20.79
CA SER A 70 -5.89 -10.82 21.20
C SER A 70 -5.00 -11.30 20.07
N ASP A 71 -3.69 -11.19 20.29
CA ASP A 71 -2.69 -11.84 19.44
C ASP A 71 -2.65 -11.23 18.03
N ILE A 72 -2.93 -9.93 17.97
CA ILE A 72 -3.10 -9.20 16.72
C ILE A 72 -1.86 -9.17 15.81
N GLU A 73 -0.67 -9.09 16.40
CA GLU A 73 0.54 -9.06 15.58
CA GLU A 73 0.55 -9.06 15.60
C GLU A 73 0.74 -10.39 14.88
N ARG A 74 0.58 -11.47 15.62
CA ARG A 74 0.74 -12.80 15.05
C ARG A 74 -0.33 -13.04 13.96
N LYS A 75 -1.57 -12.64 14.24
CA LYS A 75 -2.63 -12.83 13.26
C LYS A 75 -2.32 -12.12 11.94
N LYS A 76 -1.75 -10.93 12.04
CA LYS A 76 -1.45 -10.15 10.85
C LYS A 76 -0.34 -10.78 9.99
N GLN A 77 0.68 -11.33 10.64
CA GLN A 77 1.74 -12.05 9.93
C GLN A 77 1.19 -13.35 9.30
N PHE A 78 0.23 -13.95 9.99
CA PHE A 78 -0.40 -15.17 9.50
C PHE A 78 -1.12 -14.83 8.19
N LYS A 79 -1.98 -13.82 8.26
CA LYS A 79 -2.71 -13.31 7.10
C LYS A 79 -1.80 -12.98 5.89
N ASP A 80 -0.70 -12.30 6.13
CA ASP A 80 0.25 -11.98 5.06
C ASP A 80 0.92 -13.22 4.49
N GLN A 81 1.10 -14.24 5.32
CA GLN A 81 1.72 -15.49 4.88
C GLN A 81 0.78 -16.20 3.92
N VAL A 82 -0.45 -16.39 4.37
CA VAL A 82 -1.47 -17.04 3.60
C VAL A 82 -1.60 -16.33 2.24
N ILE A 83 -1.66 -14.99 2.29
CA ILE A 83 -1.79 -14.17 1.10
C ILE A 83 -0.65 -14.41 0.12
N MET A 84 0.57 -14.47 0.63
N MET A 84 0.57 -14.48 0.63
CA MET A 84 1.72 -14.75 -0.20
CA MET A 84 1.72 -14.74 -0.21
C MET A 84 1.57 -16.12 -0.85
C MET A 84 1.61 -16.13 -0.85
N LEU A 85 1.34 -17.14 -0.02
CA LEU A 85 1.16 -18.51 -0.51
C LEU A 85 0.05 -18.62 -1.58
N CYS A 86 -1.09 -17.98 -1.34
CA CYS A 86 -2.17 -17.95 -2.33
C CYS A 86 -1.66 -17.39 -3.68
N LYS A 87 -0.92 -16.29 -3.60
CA LYS A 87 -0.26 -15.70 -4.76
C LYS A 87 0.59 -16.70 -5.50
N GLN A 88 1.31 -17.51 -4.73
CA GLN A 88 2.17 -18.53 -5.32
C GLN A 88 1.41 -19.84 -5.70
N LYS A 89 0.10 -19.88 -5.45
CA LYS A 89 -0.70 -21.09 -5.77
C LYS A 89 -0.28 -22.31 -4.94
N ARG A 90 0.23 -22.06 -3.74
CA ARG A 90 0.60 -23.14 -2.85
C ARG A 90 -0.58 -23.56 -1.97
N TYR A 91 -1.54 -24.24 -2.60
CA TYR A 91 -2.83 -24.51 -1.97
C TYR A 91 -2.81 -25.62 -0.93
N LYS A 92 -1.96 -26.63 -1.16
CA LYS A 92 -1.72 -27.66 -0.14
C LYS A 92 -1.31 -27.02 1.19
N GLU A 93 -0.24 -26.22 1.14
CA GLU A 93 0.25 -25.59 2.36
C GLU A 93 -0.78 -24.69 3.02
N ILE A 94 -1.47 -23.88 2.21
CA ILE A 94 -2.54 -23.07 2.74
C ILE A 94 -3.55 -23.92 3.47
N TYR A 95 -3.93 -25.02 2.84
CA TYR A 95 -4.91 -25.94 3.39
C TYR A 95 -4.49 -26.46 4.77
N ASN A 96 -3.26 -26.93 4.87
CA ASN A 96 -2.71 -27.38 6.15
C ASN A 96 -2.51 -26.27 7.17
N LYS A 97 -1.90 -25.17 6.72
CA LYS A 97 -1.60 -24.04 7.60
C LYS A 97 -2.88 -23.48 8.22
N VAL A 98 -3.88 -23.23 7.38
CA VAL A 98 -5.13 -22.64 7.83
C VAL A 98 -5.99 -23.61 8.66
N TRP A 99 -5.95 -24.89 8.29
CA TRP A 99 -6.66 -25.90 9.07
C TRP A 99 -6.16 -25.96 10.51
N ASN A 100 -4.84 -25.94 10.68
CA ASN A 100 -4.24 -25.91 12.03
C ASN A 100 -4.71 -24.74 12.86
N GLU A 101 -4.70 -23.56 12.25
CA GLU A 101 -5.18 -22.37 12.93
C GLU A 101 -6.67 -22.49 13.26
N LEU A 102 -7.42 -23.09 12.35
CA LEU A 102 -8.87 -23.18 12.49
C LEU A 102 -9.29 -24.04 13.67
N LYS A 103 -8.48 -25.04 13.99
CA LYS A 103 -8.86 -26.00 15.03
C LYS A 103 -8.52 -25.52 16.44
N LYS A 104 -7.86 -24.38 16.54
CA LYS A 104 -7.71 -23.68 17.82
C LYS A 104 -9.05 -23.11 18.30
N GLU A 105 -10.02 -23.01 17.39
CA GLU A 105 -11.37 -22.60 17.75
C GLU A 105 -11.46 -21.27 18.50
N GLU A 106 -10.51 -20.36 18.26
CA GLU A 106 -10.54 -19.04 18.89
C GLU A 106 -11.66 -18.17 18.34
N TYR A 107 -12.24 -17.34 19.20
CA TYR A 107 -13.30 -16.42 18.79
C TYR A 107 -12.75 -15.10 18.28
N HIS A 108 -12.99 -14.82 17.00
CA HIS A 108 -12.57 -13.60 16.36
C HIS A 108 -13.18 -13.59 14.96
N PRO A 109 -14.45 -13.17 14.86
CA PRO A 109 -15.24 -13.41 13.65
C PRO A 109 -14.51 -13.06 12.34
N GLU A 110 -13.94 -11.86 12.25
CA GLU A 110 -13.27 -11.43 11.02
C GLU A 110 -12.09 -12.32 10.66
N PHE A 111 -11.28 -12.68 11.64
CA PHE A 111 -10.14 -13.56 11.38
C PHE A 111 -10.63 -14.97 11.05
N GLN A 112 -11.66 -15.44 11.76
N GLN A 112 -11.65 -15.42 11.78
CA GLN A 112 -12.22 -16.76 11.46
CA GLN A 112 -12.32 -16.69 11.52
C GLN A 112 -12.77 -16.78 10.04
C GLN A 112 -12.72 -16.72 10.05
N GLN A 113 -13.44 -15.71 9.63
CA GLN A 113 -13.97 -15.60 8.28
C GLN A 113 -12.86 -15.67 7.22
N PHE A 114 -11.75 -14.98 7.50
CA PHE A 114 -10.61 -15.03 6.61
C PHE A 114 -10.06 -16.47 6.47
N LEU A 115 -9.90 -17.16 7.60
CA LEU A 115 -9.44 -18.56 7.57
C LEU A 115 -10.35 -19.48 6.75
N GLN A 116 -11.65 -19.38 7.00
CA GLN A 116 -12.66 -20.18 6.32
C GLN A 116 -12.70 -19.92 4.81
N TRP A 117 -12.75 -18.64 4.43
CA TRP A 117 -12.61 -18.24 3.03
C TRP A 117 -11.41 -18.93 2.41
N GLN A 118 -10.22 -18.77 3.00
CA GLN A 118 -9.01 -19.34 2.41
C GLN A 118 -9.04 -20.87 2.40
N TYR A 119 -9.65 -21.47 3.42
CA TYR A 119 -9.68 -22.92 3.56
C TYR A 119 -10.56 -23.55 2.47
N TYR A 120 -11.73 -22.97 2.24
CA TYR A 120 -12.64 -23.42 1.20
C TYR A 120 -12.07 -23.29 -0.19
N VAL A 121 -11.43 -22.16 -0.49
CA VAL A 121 -10.81 -21.97 -1.80
C VAL A 121 -9.74 -23.03 -2.01
N ALA A 122 -8.95 -23.24 -0.96
CA ALA A 122 -7.89 -24.22 -1.00
C ALA A 122 -8.51 -25.61 -1.21
N ALA A 123 -9.57 -25.90 -0.46
CA ALA A 123 -10.25 -27.18 -0.57
C ALA A 123 -10.73 -27.40 -2.00
N TYR A 124 -11.34 -26.37 -2.56
CA TYR A 124 -11.86 -26.45 -3.92
C TYR A 124 -10.75 -26.62 -4.97
N VAL A 125 -9.65 -25.91 -4.81
CA VAL A 125 -8.62 -26.00 -5.81
C VAL A 125 -8.02 -27.39 -5.75
N LEU A 126 -7.97 -27.94 -4.54
CA LEU A 126 -7.38 -29.25 -4.33
C LEU A 126 -8.37 -30.37 -4.70
N LYS A 127 -9.56 -29.99 -5.12
CA LYS A 127 -10.56 -30.98 -5.55
C LYS A 127 -11.03 -31.88 -4.41
N LYS A 128 -10.95 -31.36 -3.19
CA LYS A 128 -11.48 -32.04 -2.01
C LYS A 128 -12.97 -31.75 -1.86
N VAL A 129 -13.42 -30.68 -2.50
CA VAL A 129 -14.83 -30.35 -2.48
C VAL A 129 -15.23 -29.81 -3.83
N ASP A 130 -16.50 -29.96 -4.20
CA ASP A 130 -16.93 -29.60 -5.54
C ASP A 130 -17.28 -28.13 -5.62
N TYR A 131 -17.21 -27.58 -6.83
CA TYR A 131 -17.38 -26.15 -7.04
C TYR A 131 -18.66 -25.61 -6.43
N GLU A 132 -19.71 -26.42 -6.44
CA GLU A 132 -21.03 -25.96 -5.97
C GLU A 132 -21.09 -25.81 -4.47
N TYR A 133 -20.40 -26.71 -3.77
CA TYR A 133 -20.40 -26.68 -2.33
C TYR A 133 -19.52 -25.53 -1.84
N CYS A 134 -18.37 -25.36 -2.50
CA CYS A 134 -17.51 -24.21 -2.22
C CYS A 134 -18.28 -22.88 -2.30
N ILE A 135 -18.99 -22.67 -3.41
CA ILE A 135 -19.76 -21.45 -3.60
C ILE A 135 -20.80 -21.23 -2.51
N LEU A 136 -21.52 -22.29 -2.15
CA LEU A 136 -22.53 -22.18 -1.10
C LEU A 136 -21.93 -21.82 0.25
N GLU A 137 -20.76 -22.37 0.56
CA GLU A 137 -20.08 -22.05 1.81
C GLU A 137 -19.60 -20.59 1.80
N LEU A 138 -19.03 -20.18 0.67
CA LEU A 138 -18.61 -18.79 0.50
C LEU A 138 -19.79 -17.81 0.65
N LYS A 139 -20.90 -18.11 0.01
CA LYS A 139 -22.09 -17.26 0.13
C LYS A 139 -22.55 -17.13 1.57
N LYS A 140 -22.30 -18.16 2.38
CA LYS A 140 -22.72 -18.16 3.77
C LYS A 140 -21.85 -17.23 4.61
N LEU A 141 -20.57 -17.16 4.29
CA LEU A 141 -19.68 -16.16 4.89
C LEU A 141 -20.20 -14.75 4.57
N LEU A 142 -20.66 -14.53 3.35
CA LEU A 142 -21.23 -13.23 2.98
C LEU A 142 -22.46 -12.94 3.81
N ASN A 143 -23.32 -13.95 3.94
CA ASN A 143 -24.58 -13.79 4.65
C ASN A 143 -24.36 -13.50 6.13
N GLN A 144 -23.11 -13.67 6.59
CA GLN A 144 -22.72 -13.21 7.92
C GLN A 144 -22.86 -11.69 8.05
N GLN A 145 -22.76 -10.98 6.92
CA GLN A 145 -22.80 -9.52 6.93
C GLN A 145 -21.78 -9.00 7.93
N LEU A 146 -20.58 -9.56 7.89
CA LEU A 146 -19.55 -9.23 8.85
C LEU A 146 -18.98 -7.85 8.57
N THR A 147 -18.85 -7.05 9.64
CA THR A 147 -18.31 -5.70 9.55
C THR A 147 -16.79 -5.73 9.39
N GLY A 148 -16.06 -5.61 10.50
CA GLY A 148 -14.62 -5.79 10.50
C GLY A 148 -13.71 -4.60 10.15
N ILE A 149 -12.43 -4.78 10.44
CA ILE A 149 -11.41 -3.79 10.17
C ILE A 149 -11.13 -3.69 8.66
N ASP A 150 -10.87 -4.85 8.04
CA ASP A 150 -10.59 -4.91 6.61
C ASP A 150 -11.89 -4.78 5.84
N VAL A 151 -12.14 -3.59 5.28
CA VAL A 151 -13.43 -3.33 4.61
C VAL A 151 -13.59 -4.08 3.28
N TYR A 152 -12.52 -4.69 2.78
CA TYR A 152 -12.56 -5.32 1.45
C TYR A 152 -12.79 -6.83 1.46
N GLN A 153 -12.84 -7.43 2.66
CA GLN A 153 -12.90 -8.89 2.80
C GLN A 153 -14.09 -9.56 2.08
N ASN A 154 -15.31 -9.02 2.24
CA ASN A 154 -16.46 -9.49 1.48
C ASN A 154 -16.26 -9.43 -0.04
N LEU A 155 -15.60 -8.36 -0.52
CA LEU A 155 -15.33 -8.24 -1.94
C LEU A 155 -14.36 -9.33 -2.38
N TYR A 156 -13.39 -9.65 -1.54
CA TYR A 156 -12.45 -10.72 -1.85
C TYR A 156 -13.17 -12.08 -1.96
N ILE A 157 -14.14 -12.30 -1.08
CA ILE A 157 -14.96 -13.50 -1.13
C ILE A 157 -15.85 -13.53 -2.41
N GLU A 158 -16.43 -12.40 -2.77
CA GLU A 158 -17.17 -12.30 -4.02
C GLU A 158 -16.30 -12.60 -5.23
N ASN A 159 -15.04 -12.18 -5.18
CA ASN A 159 -14.15 -12.42 -6.30
C ASN A 159 -13.89 -13.91 -6.44
N ALA A 160 -13.61 -14.60 -5.33
CA ALA A 160 -13.51 -16.08 -5.35
C ALA A 160 -14.77 -16.75 -5.93
N ILE A 161 -15.94 -16.36 -5.42
CA ILE A 161 -17.19 -16.87 -5.97
C ILE A 161 -17.27 -16.66 -7.48
N ALA A 162 -16.94 -15.45 -7.95
CA ALA A 162 -17.01 -15.15 -9.39
C ALA A 162 -16.02 -15.98 -10.22
N ASN A 163 -14.83 -16.22 -9.68
CA ASN A 163 -13.82 -17.07 -10.32
C ASN A 163 -14.32 -18.49 -10.51
N ILE A 164 -15.06 -18.98 -9.52
CA ILE A 164 -15.47 -20.38 -9.51
C ILE A 164 -16.62 -20.62 -10.49
N TYR A 165 -17.61 -19.71 -10.48
CA TYR A 165 -18.64 -19.70 -11.52
C TYR A 165 -17.96 -19.69 -12.89
N ALA A 166 -16.96 -18.84 -13.05
CA ALA A 166 -16.40 -18.64 -14.38
C ALA A 166 -15.64 -19.85 -14.89
N GLU A 167 -14.91 -20.53 -14.02
CA GLU A 167 -14.11 -21.63 -14.52
C GLU A 167 -14.88 -22.96 -14.57
N ASN A 168 -16.13 -22.92 -14.14
CA ASN A 168 -17.03 -24.06 -14.26
C ASN A 168 -18.20 -23.84 -15.25
N GLY A 169 -17.96 -23.02 -16.27
CA GLY A 169 -18.93 -22.86 -17.35
C GLY A 169 -19.99 -21.77 -17.18
N TYR A 170 -20.17 -21.27 -15.96
CA TYR A 170 -21.14 -20.22 -15.67
C TYR A 170 -20.62 -18.81 -15.97
N LEU A 171 -20.17 -18.60 -17.20
CA LEU A 171 -19.60 -17.34 -17.64
C LEU A 171 -20.51 -16.14 -17.36
N LYS A 172 -21.78 -16.24 -17.73
CA LYS A 172 -22.66 -15.12 -17.52
C LYS A 172 -22.75 -14.74 -16.04
N LYS A 173 -22.89 -15.73 -15.18
CA LYS A 173 -23.00 -15.44 -13.76
C LYS A 173 -21.68 -14.83 -13.26
N GLY A 174 -20.56 -15.35 -13.75
CA GLY A 174 -19.27 -14.88 -13.30
C GLY A 174 -19.00 -13.45 -13.73
N ILE A 175 -19.22 -13.21 -15.02
CA ILE A 175 -19.06 -11.87 -15.60
C ILE A 175 -19.94 -10.83 -14.90
N ASP A 176 -21.19 -11.18 -14.62
N ASP A 176 -21.19 -11.17 -14.62
CA ASP A 176 -22.07 -10.26 -13.92
CA ASP A 176 -22.05 -10.25 -13.88
C ASP A 176 -21.60 -9.98 -12.49
C ASP A 176 -21.47 -9.94 -12.53
N LEU A 177 -21.00 -10.97 -11.84
CA LEU A 177 -20.48 -10.79 -10.48
C LEU A 177 -19.21 -9.92 -10.48
N PHE A 178 -18.35 -10.12 -11.47
CA PHE A 178 -17.19 -9.24 -11.64
C PHE A 178 -17.62 -7.79 -11.81
N GLU A 179 -18.58 -7.54 -12.69
CA GLU A 179 -19.09 -6.19 -12.89
C GLU A 179 -19.64 -5.61 -11.59
N GLN A 180 -20.34 -6.40 -10.79
CA GLN A 180 -20.84 -5.90 -9.51
C GLN A 180 -19.72 -5.50 -8.57
N ILE A 181 -18.64 -6.28 -8.54
CA ILE A 181 -17.48 -5.98 -7.69
C ILE A 181 -16.80 -4.67 -8.09
N LEU A 182 -16.53 -4.50 -9.38
CA LEU A 182 -15.95 -3.25 -9.86
C LEU A 182 -16.79 -2.03 -9.51
N LYS A 183 -18.11 -2.21 -9.50
CA LYS A 183 -19.06 -1.17 -9.15
C LYS A 183 -19.03 -0.83 -7.66
N GLN A 184 -19.04 -1.86 -6.83
CA GLN A 184 -18.89 -1.69 -5.38
C GLN A 184 -17.56 -1.04 -5.02
N LEU A 185 -16.52 -1.28 -5.84
CA LEU A 185 -15.22 -0.67 -5.65
C LEU A 185 -15.20 0.84 -5.93
N GLU A 186 -15.97 1.28 -6.92
CA GLU A 186 -16.11 2.70 -7.24
C GLU A 186 -16.41 3.47 -5.96
N ALA A 187 -17.36 2.92 -5.20
CA ALA A 187 -17.82 3.47 -3.94
C ALA A 187 -16.76 3.47 -2.82
N LEU A 188 -16.02 2.38 -2.68
CA LEU A 188 -15.07 2.29 -1.58
C LEU A 188 -13.79 3.05 -1.86
N HIS A 189 -13.09 3.40 -0.80
CA HIS A 189 -11.77 3.98 -0.90
C HIS A 189 -10.87 3.13 -1.80
N ASP A 190 -9.83 3.76 -2.33
CA ASP A 190 -8.97 3.09 -3.29
C ASP A 190 -8.26 1.85 -2.76
N ASN A 191 -8.46 0.76 -3.48
CA ASN A 191 -7.71 -0.47 -3.32
C ASN A 191 -7.38 -0.91 -4.73
N GLU A 192 -6.38 -0.26 -5.33
CA GLU A 192 -6.16 -0.41 -6.76
C GLU A 192 -5.51 -1.74 -7.17
N GLU A 193 -4.73 -2.34 -6.27
CA GLU A 193 -4.27 -3.71 -6.50
C GLU A 193 -5.43 -4.68 -6.68
N PHE A 194 -6.44 -4.60 -5.81
CA PHE A 194 -7.61 -5.46 -5.94
C PHE A 194 -8.36 -5.22 -7.27
N ASP A 195 -8.56 -3.97 -7.61
CA ASP A 195 -9.13 -3.54 -8.88
C ASP A 195 -8.41 -4.25 -10.03
N VAL A 196 -7.09 -4.28 -9.98
CA VAL A 196 -6.31 -4.89 -11.04
C VAL A 196 -6.60 -6.39 -11.09
N LYS A 197 -6.70 -6.99 -9.92
CA LYS A 197 -6.91 -8.41 -9.84
C LYS A 197 -8.31 -8.78 -10.40
N VAL A 198 -9.34 -8.04 -9.98
CA VAL A 198 -10.69 -8.27 -10.49
C VAL A 198 -10.77 -8.08 -11.99
N ARG A 199 -10.15 -7.03 -12.52
CA ARG A 199 -10.16 -6.84 -13.98
C ARG A 199 -9.49 -7.98 -14.72
N TYR A 200 -8.46 -8.56 -14.09
CA TYR A 200 -7.76 -9.67 -14.71
C TYR A 200 -8.64 -10.91 -14.81
N ASN A 201 -9.35 -11.21 -13.72
CA ASN A 201 -10.19 -12.41 -13.65
C ASN A 201 -11.34 -12.20 -14.60
N HIS A 202 -11.93 -11.01 -14.54
CA HIS A 202 -12.97 -10.57 -15.47
C HIS A 202 -12.51 -10.73 -16.92
N ALA A 203 -11.27 -10.31 -17.22
CA ALA A 203 -10.74 -10.44 -18.57
C ALA A 203 -10.68 -11.89 -18.99
N LYS A 204 -10.24 -12.77 -18.08
CA LYS A 204 -10.17 -14.19 -18.37
C LYS A 204 -11.56 -14.75 -18.72
N ALA A 205 -12.55 -14.40 -17.92
CA ALA A 205 -13.95 -14.79 -18.15
C ALA A 205 -14.54 -14.27 -19.50
N LEU A 206 -14.28 -13.01 -19.83
CA LEU A 206 -14.67 -12.44 -21.11
C LEU A 206 -14.04 -13.22 -22.25
N TYR A 207 -12.77 -13.54 -22.10
CA TYR A 207 -12.06 -14.31 -23.11
C TYR A 207 -12.68 -15.70 -23.27
N LEU A 208 -13.04 -16.35 -22.16
CA LEU A 208 -13.61 -17.70 -22.26
C LEU A 208 -14.97 -17.65 -22.97
N ASP A 209 -15.63 -16.49 -22.86
CA ASP A 209 -16.89 -16.21 -23.52
C ASP A 209 -16.73 -15.67 -24.94
N SER A 210 -15.50 -15.72 -25.44
CA SER A 210 -15.18 -15.30 -26.81
C SER A 210 -15.32 -13.79 -27.04
N ARG A 211 -15.46 -13.01 -25.98
CA ARG A 211 -15.52 -11.54 -26.11
C ARG A 211 -14.12 -10.93 -26.06
N TYR A 212 -13.39 -11.09 -27.16
CA TYR A 212 -11.97 -10.83 -27.19
C TYR A 212 -11.64 -9.36 -27.02
N GLU A 213 -12.41 -8.53 -27.70
CA GLU A 213 -12.22 -7.09 -27.64
C GLU A 213 -12.45 -6.55 -26.23
N GLU A 214 -13.50 -7.02 -25.56
CA GLU A 214 -13.78 -6.55 -24.21
C GLU A 214 -12.72 -7.05 -23.22
N SER A 215 -12.21 -8.25 -23.48
CA SER A 215 -11.19 -8.85 -22.64
C SER A 215 -9.95 -7.96 -22.71
N LEU A 216 -9.53 -7.61 -23.92
CA LEU A 216 -8.34 -6.79 -24.13
C LEU A 216 -8.54 -5.40 -23.52
N TYR A 217 -9.77 -4.92 -23.56
CA TYR A 217 -10.11 -3.66 -22.93
C TYR A 217 -9.80 -3.71 -21.44
N GLN A 218 -10.32 -4.74 -20.76
CA GLN A 218 -10.07 -4.92 -19.34
C GLN A 218 -8.59 -5.15 -19.06
N VAL A 219 -7.93 -5.93 -19.90
CA VAL A 219 -6.49 -6.20 -19.76
C VAL A 219 -5.65 -4.91 -19.82
N ASN A 220 -5.88 -4.11 -20.85
CA ASN A 220 -5.13 -2.86 -21.02
C ASN A 220 -5.42 -1.84 -19.94
N LYS A 221 -6.67 -1.79 -19.50
CA LYS A 221 -7.04 -0.96 -18.37
C LYS A 221 -6.24 -1.40 -17.14
N ALA A 222 -6.17 -2.71 -16.88
CA ALA A 222 -5.50 -3.20 -15.71
C ALA A 222 -3.96 -2.99 -15.78
N ILE A 223 -3.37 -3.20 -16.94
CA ILE A 223 -1.97 -2.87 -17.19
C ILE A 223 -1.66 -1.39 -16.92
N GLU A 224 -2.54 -0.50 -17.36
N GLU A 224 -2.55 -0.51 -17.37
CA GLU A 224 -2.36 0.93 -17.11
CA GLU A 224 -2.38 0.92 -17.11
C GLU A 224 -2.40 1.23 -15.61
C GLU A 224 -2.39 1.21 -15.61
N ILE A 225 -3.38 0.67 -14.91
CA ILE A 225 -3.46 0.83 -13.46
C ILE A 225 -2.21 0.29 -12.76
N SER A 226 -1.73 -0.85 -13.24
CA SER A 226 -0.54 -1.47 -12.66
C SER A 226 0.70 -0.57 -12.81
N CYS A 227 0.95 -0.06 -14.01
CA CYS A 227 2.09 0.84 -14.21
C CYS A 227 2.01 2.14 -13.40
N ARG A 228 0.83 2.71 -13.31
CA ARG A 228 0.63 3.93 -12.56
C ARG A 228 0.88 3.76 -11.06
N ILE A 229 0.54 2.60 -10.52
CA ILE A 229 0.78 2.36 -9.09
C ILE A 229 2.09 1.58 -8.85
N ASN A 230 2.84 1.34 -9.90
CA ASN A 230 4.07 0.55 -9.83
C ASN A 230 3.90 -0.82 -9.19
N SER A 231 2.85 -1.54 -9.59
CA SER A 231 2.60 -2.89 -9.11
C SER A 231 2.97 -3.95 -10.14
N MET A 232 3.64 -5.00 -9.66
CA MET A 232 4.12 -6.11 -10.50
C MET A 232 3.29 -7.34 -10.22
N ALA A 233 2.36 -7.24 -9.29
CA ALA A 233 1.67 -8.43 -8.78
C ALA A 233 1.03 -9.30 -9.90
N LEU A 234 0.33 -8.65 -10.82
CA LEU A 234 -0.38 -9.36 -11.88
C LEU A 234 0.09 -8.95 -13.27
N ILE A 235 1.14 -8.15 -13.35
CA ILE A 235 1.52 -7.55 -14.64
C ILE A 235 2.01 -8.58 -15.65
N GLY A 236 2.72 -9.61 -15.19
CA GLY A 236 3.12 -10.71 -16.07
C GLY A 236 1.89 -11.41 -16.65
N GLN A 237 0.96 -11.80 -15.78
CA GLN A 237 -0.26 -12.47 -16.20
C GLN A 237 -1.03 -11.63 -17.21
N LEU A 238 -1.05 -10.31 -16.99
CA LEU A 238 -1.77 -9.37 -17.84
C LEU A 238 -1.18 -9.30 -19.24
N TYR A 239 0.13 -9.15 -19.36
CA TYR A 239 0.78 -9.23 -20.66
C TYR A 239 0.51 -10.54 -21.37
N TYR A 240 0.47 -11.64 -20.62
CA TYR A 240 0.20 -12.93 -21.20
C TYR A 240 -1.23 -12.90 -21.76
N GLN A 241 -2.19 -12.53 -20.91
CA GLN A 241 -3.56 -12.38 -21.32
C GLN A 241 -3.73 -11.47 -22.55
N ARG A 242 -2.93 -10.40 -22.62
CA ARG A 242 -3.05 -9.46 -23.71
C ARG A 242 -2.51 -10.10 -24.98
N GLY A 243 -1.44 -10.86 -24.85
CA GLY A 243 -0.97 -11.69 -25.96
C GLY A 243 -2.05 -12.66 -26.46
N GLU A 244 -2.75 -13.32 -25.53
CA GLU A 244 -3.87 -14.19 -25.89
C GLU A 244 -4.92 -13.43 -26.70
N CYS A 245 -5.31 -12.26 -26.22
CA CYS A 245 -6.35 -11.46 -26.90
C CYS A 245 -5.88 -11.02 -28.27
N LEU A 246 -4.65 -10.53 -28.33
CA LEU A 246 -4.03 -10.07 -29.56
C LEU A 246 -4.02 -11.17 -30.63
N ARG A 247 -3.82 -12.41 -30.19
CA ARG A 247 -3.82 -13.55 -31.11
C ARG A 247 -5.21 -13.78 -31.71
N LYS A 248 -6.23 -13.78 -30.86
CA LYS A 248 -7.59 -14.01 -31.34
C LYS A 248 -8.08 -12.88 -32.22
N LEU A 249 -7.62 -11.66 -31.93
CA LEU A 249 -8.06 -10.49 -32.66
C LEU A 249 -7.24 -10.29 -33.94
N GLU A 250 -6.29 -11.19 -34.19
CA GLU A 250 -5.53 -11.19 -35.44
C GLU A 250 -4.63 -9.97 -35.65
N TYR A 251 -4.00 -9.51 -34.58
CA TYR A 251 -2.99 -8.47 -34.67
C TYR A 251 -1.75 -9.00 -35.37
N GLU A 252 -0.84 -8.08 -35.68
CA GLU A 252 0.39 -8.46 -36.34
C GLU A 252 1.22 -9.33 -35.41
N GLU A 253 1.98 -10.25 -35.99
CA GLU A 253 2.72 -11.23 -35.19
C GLU A 253 3.69 -10.55 -34.22
N ALA A 254 4.19 -9.39 -34.58
CA ALA A 254 5.20 -8.74 -33.75
C ALA A 254 4.56 -8.24 -32.46
N GLU A 255 3.41 -7.60 -32.59
CA GLU A 255 2.68 -7.11 -31.42
C GLU A 255 2.32 -8.26 -30.46
N ILE A 256 1.83 -9.37 -31.03
CA ILE A 256 1.59 -10.58 -30.26
C ILE A 256 2.85 -11.09 -29.53
N GLU A 257 3.97 -11.15 -30.24
CA GLU A 257 5.22 -11.65 -29.65
C GLU A 257 5.70 -10.73 -28.52
N ASP A 258 5.54 -9.43 -28.73
CA ASP A 258 5.88 -8.42 -27.73
C ASP A 258 5.22 -8.72 -26.38
N ALA A 259 3.90 -8.94 -26.41
CA ALA A 259 3.16 -9.14 -25.18
C ALA A 259 3.70 -10.35 -24.44
N TYR A 260 3.91 -11.45 -25.16
CA TYR A 260 4.39 -12.69 -24.54
C TYR A 260 5.82 -12.56 -23.98
N LYS A 261 6.66 -11.77 -24.65
CA LYS A 261 8.02 -11.51 -24.18
C LYS A 261 7.99 -10.75 -22.86
N LYS A 262 7.14 -9.73 -22.80
CA LYS A 262 6.97 -8.99 -21.56
C LYS A 262 6.51 -9.90 -20.43
N ALA A 263 5.63 -10.86 -20.72
CA ALA A 263 5.16 -11.80 -19.69
C ALA A 263 6.28 -12.69 -19.23
N SER A 264 7.03 -13.24 -20.19
CA SER A 264 8.19 -14.09 -19.92
C SER A 264 9.25 -13.36 -19.07
N PHE A 265 9.48 -12.09 -19.36
CA PHE A 265 10.31 -11.27 -18.51
C PHE A 265 9.86 -11.31 -17.05
N PHE A 266 8.60 -10.97 -16.78
CA PHE A 266 8.13 -10.92 -15.39
C PHE A 266 8.10 -12.27 -14.72
N PHE A 267 7.69 -13.30 -15.45
CA PHE A 267 7.69 -14.65 -14.87
C PHE A 267 9.11 -15.05 -14.43
N ASP A 268 10.11 -14.67 -15.21
N ASP A 268 10.10 -14.70 -15.24
CA ASP A 268 11.47 -15.04 -14.88
CA ASP A 268 11.49 -14.98 -14.91
C ASP A 268 12.03 -14.30 -13.65
C ASP A 268 11.88 -14.30 -13.60
N ILE A 269 11.97 -12.97 -13.65
CA ILE A 269 12.45 -12.21 -12.49
C ILE A 269 11.62 -12.40 -11.21
N LEU A 270 10.32 -12.66 -11.35
CA LEU A 270 9.51 -12.92 -10.16
C LEU A 270 9.53 -14.40 -9.76
N GLU A 271 10.28 -15.19 -10.51
CA GLU A 271 10.43 -16.63 -10.27
C GLU A 271 9.09 -17.38 -10.25
N MET A 272 8.19 -17.02 -11.17
CA MET A 272 6.87 -17.67 -11.25
C MET A 272 6.96 -18.95 -12.11
N HIS A 273 7.51 -20.00 -11.52
CA HIS A 273 7.86 -21.22 -12.26
C HIS A 273 6.66 -21.92 -12.93
N ALA A 274 5.60 -22.15 -12.16
CA ALA A 274 4.34 -22.66 -12.69
C ALA A 274 3.95 -21.96 -14.00
N TYR A 275 3.72 -20.64 -13.91
CA TYR A 275 3.25 -19.84 -15.06
C TYR A 275 4.12 -20.01 -16.31
N LYS A 276 5.37 -20.41 -16.14
CA LYS A 276 6.31 -20.49 -17.27
C LYS A 276 5.89 -21.54 -18.31
N GLU A 277 5.12 -22.54 -17.87
CA GLU A 277 4.65 -23.59 -18.78
C GLU A 277 3.78 -23.02 -19.88
N ALA A 278 2.78 -22.23 -19.48
CA ALA A 278 1.81 -21.68 -20.42
C ALA A 278 2.49 -21.01 -21.61
N LEU A 279 3.77 -20.73 -21.49
CA LEU A 279 4.46 -19.96 -22.52
C LEU A 279 5.08 -20.80 -23.63
N VAL A 280 4.86 -22.12 -23.58
CA VAL A 280 5.35 -23.00 -24.64
C VAL A 280 4.77 -22.63 -26.00
N ASN A 281 5.65 -22.53 -26.99
CA ASN A 281 5.24 -22.30 -28.38
C ASN A 281 4.65 -20.91 -28.64
N LYS A 282 5.19 -19.89 -27.98
CA LYS A 282 4.85 -18.50 -28.28
C LYS A 282 5.99 -17.54 -27.93
N ALA B 3 -16.89 17.28 16.37
CA ALA B 3 -17.10 18.59 15.75
C ALA B 3 -18.06 18.49 14.55
N GLU B 4 -18.31 19.62 13.91
N GLU B 4 -18.32 19.62 13.91
CA GLU B 4 -19.26 19.69 12.82
CA GLU B 4 -19.26 19.68 12.80
C GLU B 4 -18.79 18.92 11.57
C GLU B 4 -18.79 18.89 11.59
N LYS B 5 -17.49 18.92 11.34
CA LYS B 5 -16.91 18.26 10.17
C LYS B 5 -17.08 16.73 10.18
N LEU B 6 -16.65 16.08 11.26
CA LEU B 6 -16.86 14.64 11.42
C LEU B 6 -18.33 14.32 11.26
N GLY B 7 -19.17 15.05 11.99
CA GLY B 7 -20.61 14.85 11.97
C GLY B 7 -21.21 14.81 10.58
N SER B 8 -21.02 15.89 9.82
CA SER B 8 -21.64 15.98 8.49
C SER B 8 -21.01 15.01 7.51
N GLU B 9 -19.78 14.60 7.79
CA GLU B 9 -19.11 13.58 7.00
C GLU B 9 -19.71 12.18 7.23
N ILE B 10 -20.01 11.85 8.48
CA ILE B 10 -20.73 10.61 8.79
C ILE B 10 -22.13 10.62 8.17
N LYS B 11 -22.83 11.74 8.31
CA LYS B 11 -24.17 11.89 7.76
C LYS B 11 -24.20 11.79 6.23
N LYS B 12 -23.22 12.41 5.58
CA LYS B 12 -23.08 12.34 4.12
C LYS B 12 -22.89 10.90 3.64
N ILE B 13 -21.97 10.18 4.28
CA ILE B 13 -21.68 8.79 3.91
C ILE B 13 -22.83 7.84 4.25
N ARG B 14 -23.54 8.13 5.34
CA ARG B 14 -24.73 7.34 5.70
C ARG B 14 -25.83 7.52 4.66
N VAL B 15 -26.10 8.76 4.27
CA VAL B 15 -27.12 9.04 3.27
C VAL B 15 -26.73 8.38 1.95
N LEU B 16 -25.44 8.45 1.63
CA LEU B 16 -24.89 7.85 0.42
C LEU B 16 -25.13 6.34 0.41
N ARG B 17 -25.18 5.75 1.60
CA ARG B 17 -25.39 4.30 1.73
C ARG B 17 -26.87 3.97 1.93
N GLY B 18 -27.71 5.01 1.92
CA GLY B 18 -29.14 4.84 2.05
C GLY B 18 -29.60 4.26 3.37
N LEU B 19 -28.80 4.46 4.41
CA LEU B 19 -29.19 4.06 5.75
C LEU B 19 -29.86 5.21 6.50
N THR B 20 -30.65 4.87 7.51
CA THR B 20 -31.18 5.89 8.42
C THR B 20 -30.40 5.81 9.73
N GLN B 21 -30.55 6.83 10.57
CA GLN B 21 -29.88 6.86 11.85
C GLN B 21 -30.19 5.60 12.67
N LYS B 22 -31.45 5.17 12.62
CA LYS B 22 -31.85 3.96 13.35
C LYS B 22 -31.09 2.75 12.81
N GLN B 23 -31.09 2.61 11.49
CA GLN B 23 -30.40 1.50 10.83
C GLN B 23 -28.92 1.52 11.15
N LEU B 24 -28.32 2.69 11.08
CA LEU B 24 -26.90 2.82 11.36
C LEU B 24 -26.63 2.43 12.79
N SER B 25 -27.56 2.76 13.68
CA SER B 25 -27.34 2.67 15.12
C SER B 25 -27.46 1.25 15.66
N GLU B 26 -28.17 0.40 14.93
CA GLU B 26 -28.42 -0.99 15.35
C GLU B 26 -27.17 -1.72 15.84
N ASN B 27 -27.23 -2.24 17.06
CA ASN B 27 -26.17 -3.06 17.63
C ASN B 27 -24.92 -2.26 17.97
N ILE B 28 -25.02 -0.94 17.86
CA ILE B 28 -23.89 -0.06 18.10
C ILE B 28 -24.21 0.93 19.22
N CYS B 29 -25.34 1.60 19.08
CA CYS B 29 -25.74 2.65 20.01
C CYS B 29 -27.18 3.06 19.74
N HIS B 30 -27.66 4.04 20.49
CA HIS B 30 -29.01 4.56 20.30
C HIS B 30 -29.07 5.48 19.08
N GLN B 31 -30.21 5.51 18.40
CA GLN B 31 -30.34 6.37 17.23
C GLN B 31 -30.08 7.86 17.55
N SER B 32 -30.39 8.26 18.77
CA SER B 32 -30.26 9.65 19.21
C SER B 32 -28.78 10.08 19.35
N GLU B 33 -27.90 9.11 19.58
CA GLU B 33 -26.48 9.38 19.65
C GLU B 33 -25.90 9.55 18.24
N VAL B 34 -26.39 8.76 17.28
CA VAL B 34 -26.03 8.98 15.89
C VAL B 34 -26.44 10.40 15.50
N SER B 35 -27.65 10.80 15.87
CA SER B 35 -28.11 12.18 15.67
C SER B 35 -27.13 13.21 16.25
N ARG B 36 -26.74 13.03 17.50
CA ARG B 36 -25.90 14.01 18.17
C ARG B 36 -24.46 13.99 17.64
N ILE B 37 -24.01 12.82 17.18
CA ILE B 37 -22.73 12.70 16.49
C ILE B 37 -22.74 13.46 15.15
N GLU B 38 -23.82 13.35 14.39
CA GLU B 38 -23.90 14.02 13.10
C GLU B 38 -24.07 15.53 13.21
N SER B 39 -24.64 16.00 14.32
CA SER B 39 -24.83 17.42 14.54
C SER B 39 -23.56 18.03 15.15
N GLY B 40 -22.62 17.16 15.50
CA GLY B 40 -21.33 17.61 16.00
C GLY B 40 -21.33 18.01 17.46
N ALA B 41 -22.37 17.59 18.17
CA ALA B 41 -22.53 17.91 19.59
C ALA B 41 -21.56 17.11 20.44
N VAL B 42 -21.15 15.95 19.94
CA VAL B 42 -20.31 15.03 20.69
C VAL B 42 -19.28 14.36 19.79
N TYR B 43 -18.13 14.04 20.38
CA TYR B 43 -17.19 13.11 19.76
C TYR B 43 -17.58 11.70 20.20
N PRO B 44 -17.61 10.75 19.23
CA PRO B 44 -17.99 9.37 19.58
C PRO B 44 -16.83 8.56 20.15
N SER B 45 -17.15 7.62 21.02
CA SER B 45 -16.14 6.73 21.62
C SER B 45 -15.65 5.65 20.64
N MET B 46 -14.49 5.08 20.96
CA MET B 46 -13.85 4.11 20.07
C MET B 46 -14.81 3.00 19.63
N ASP B 47 -15.52 2.46 20.60
N ASP B 47 -15.53 2.45 20.59
CA ASP B 47 -16.51 1.43 20.33
CA ASP B 47 -16.50 1.40 20.27
C ASP B 47 -17.50 1.89 19.27
C ASP B 47 -17.50 1.89 19.23
N ILE B 48 -18.14 3.03 19.52
CA ILE B 48 -19.15 3.56 18.59
C ILE B 48 -18.57 4.00 17.24
N LEU B 49 -17.42 4.67 17.25
CA LEU B 49 -16.79 5.06 16.00
C LEU B 49 -16.42 3.84 15.17
N GLN B 50 -15.88 2.84 15.85
CA GLN B 50 -15.45 1.61 15.21
C GLN B 50 -16.60 0.92 14.49
N GLY B 51 -17.70 0.74 15.21
CA GLY B 51 -18.92 0.20 14.65
C GLY B 51 -19.43 1.01 13.48
N ILE B 52 -19.55 2.32 13.66
CA ILE B 52 -19.97 3.19 12.57
C ILE B 52 -19.06 3.10 11.33
N ALA B 53 -17.75 3.09 11.54
CA ALA B 53 -16.84 2.95 10.40
C ALA B 53 -17.00 1.60 9.71
N ALA B 54 -17.22 0.54 10.49
CA ALA B 54 -17.38 -0.79 9.89
C ALA B 54 -18.64 -0.90 9.04
N LYS B 55 -19.78 -0.54 9.61
CA LYS B 55 -21.04 -0.61 8.89
C LYS B 55 -21.04 0.27 7.63
N LEU B 56 -20.31 1.39 7.68
CA LEU B 56 -20.24 2.32 6.56
C LEU B 56 -19.09 1.98 5.62
N GLN B 57 -18.32 0.97 5.98
CA GLN B 57 -17.15 0.56 5.21
C GLN B 57 -16.22 1.72 4.88
N ILE B 58 -15.77 2.40 5.91
CA ILE B 58 -14.78 3.45 5.78
C ILE B 58 -13.58 3.10 6.65
N PRO B 59 -12.36 3.25 6.11
CA PRO B 59 -11.16 3.15 6.94
C PRO B 59 -11.29 4.15 8.08
N ILE B 60 -11.09 3.71 9.32
CA ILE B 60 -11.35 4.60 10.43
C ILE B 60 -10.43 5.83 10.44
N ILE B 61 -9.28 5.75 9.79
CA ILE B 61 -8.37 6.90 9.74
C ILE B 61 -9.08 8.08 9.08
N HIS B 62 -9.97 7.78 8.14
CA HIS B 62 -10.71 8.81 7.42
C HIS B 62 -11.42 9.77 8.36
N PHE B 63 -12.00 9.22 9.42
CA PHE B 63 -12.74 10.04 10.35
C PHE B 63 -11.82 10.92 11.18
N TYR B 64 -10.61 10.45 11.45
CA TYR B 64 -9.62 11.27 12.14
C TYR B 64 -9.04 12.36 11.23
N GLU B 65 -8.80 12.04 9.96
CA GLU B 65 -8.30 12.99 8.98
C GLU B 65 -9.21 14.22 8.86
N VAL B 66 -10.52 13.98 8.75
CA VAL B 66 -11.46 15.08 8.62
C VAL B 66 -11.76 15.77 9.96
N LEU B 67 -11.17 15.26 11.03
CA LEU B 67 -11.47 15.77 12.37
C LEU B 67 -11.28 17.28 12.55
N ILE B 68 -10.14 17.82 12.10
CA ILE B 68 -9.78 19.20 12.45
C ILE B 68 -9.65 20.18 11.27
N TYR B 69 -9.10 19.73 10.15
CA TYR B 69 -8.83 20.63 9.03
C TYR B 69 -9.71 20.33 7.82
N SER B 70 -9.95 21.37 7.01
CA SER B 70 -10.86 21.29 5.86
C SER B 70 -10.20 20.77 4.57
N ASP B 71 -11.04 20.50 3.57
CA ASP B 71 -10.60 20.18 2.21
C ASP B 71 -9.71 18.93 2.10
N ILE B 72 -9.98 17.94 2.96
CA ILE B 72 -9.09 16.79 3.11
C ILE B 72 -8.96 15.92 1.85
N GLU B 73 -10.04 15.76 1.10
N GLU B 73 -10.05 15.77 1.10
CA GLU B 73 -9.98 14.96 -0.13
CA GLU B 73 -10.03 14.99 -0.14
C GLU B 73 -9.12 15.64 -1.19
C GLU B 73 -9.14 15.64 -1.17
N ARG B 74 -9.33 16.93 -1.38
CA ARG B 74 -8.56 17.68 -2.36
C ARG B 74 -7.08 17.64 -1.98
N LYS B 75 -6.79 17.83 -0.70
CA LYS B 75 -5.42 17.81 -0.21
C LYS B 75 -4.71 16.49 -0.52
N LYS B 76 -5.41 15.38 -0.33
CA LYS B 76 -4.83 14.07 -0.54
C LYS B 76 -4.54 13.78 -2.03
N GLN B 77 -5.39 14.28 -2.91
CA GLN B 77 -5.15 14.16 -4.36
C GLN B 77 -3.96 15.02 -4.78
N PHE B 78 -3.81 16.15 -4.08
CA PHE B 78 -2.74 17.09 -4.33
C PHE B 78 -1.41 16.43 -3.94
N LYS B 79 -1.37 15.87 -2.74
CA LYS B 79 -0.20 15.14 -2.27
C LYS B 79 0.21 14.03 -3.27
N ASP B 80 -0.77 13.24 -3.69
CA ASP B 80 -0.55 12.16 -4.67
C ASP B 80 -0.01 12.66 -5.99
N GLN B 81 -0.51 13.81 -6.46
CA GLN B 81 -0.02 14.39 -7.70
C GLN B 81 1.44 14.84 -7.54
N VAL B 82 1.72 15.55 -6.46
CA VAL B 82 3.06 16.02 -6.19
C VAL B 82 4.00 14.82 -6.16
N ILE B 83 3.56 13.76 -5.49
CA ILE B 83 4.37 12.56 -5.35
C ILE B 83 4.69 11.93 -6.71
N MET B 84 3.69 11.84 -7.57
N MET B 84 3.67 11.83 -7.56
CA MET B 84 3.91 11.26 -8.88
CA MET B 84 3.87 11.29 -8.90
C MET B 84 4.89 12.11 -9.69
C MET B 84 4.91 12.11 -9.63
N LEU B 85 4.71 13.43 -9.62
CA LEU B 85 5.58 14.36 -10.33
C LEU B 85 7.03 14.24 -9.85
N CYS B 86 7.20 14.23 -8.54
CA CYS B 86 8.52 14.00 -7.94
C CYS B 86 9.15 12.72 -8.50
N LYS B 87 8.37 11.65 -8.54
CA LYS B 87 8.82 10.40 -9.14
C LYS B 87 9.30 10.59 -10.57
N GLN B 88 8.61 11.43 -11.32
CA GLN B 88 8.94 11.70 -12.71
C GLN B 88 10.02 12.79 -12.88
N LYS B 89 10.48 13.37 -11.78
CA LYS B 89 11.53 14.40 -11.83
C LYS B 89 11.02 15.67 -12.55
N ARG B 90 9.73 15.91 -12.45
CA ARG B 90 9.13 17.09 -13.01
C ARG B 90 9.14 18.22 -11.96
N TYR B 91 10.34 18.69 -11.67
CA TYR B 91 10.56 19.65 -10.59
C TYR B 91 10.06 21.05 -10.87
N LYS B 92 10.21 21.50 -12.13
CA LYS B 92 9.58 22.75 -12.58
C LYS B 92 8.09 22.79 -12.20
N GLU B 93 7.34 21.78 -12.64
CA GLU B 93 5.90 21.74 -12.35
C GLU B 93 5.61 21.67 -10.85
N ILE B 94 6.40 20.87 -10.13
CA ILE B 94 6.26 20.80 -8.69
C ILE B 94 6.44 22.16 -8.06
N TYR B 95 7.49 22.85 -8.49
CA TYR B 95 7.81 24.18 -7.98
C TYR B 95 6.63 25.13 -8.17
N ASN B 96 6.06 25.15 -9.37
CA ASN B 96 4.88 25.98 -9.66
C ASN B 96 3.62 25.58 -8.91
N LYS B 97 3.27 24.29 -9.01
CA LYS B 97 2.08 23.73 -8.36
C LYS B 97 2.11 23.97 -6.85
N VAL B 98 3.18 23.56 -6.21
CA VAL B 98 3.30 23.76 -4.77
C VAL B 98 3.28 25.24 -4.38
N TRP B 99 3.97 26.07 -5.16
CA TRP B 99 4.01 27.49 -4.86
C TRP B 99 2.62 28.15 -4.81
N ASN B 100 1.80 27.88 -5.83
CA ASN B 100 0.42 28.37 -5.83
C ASN B 100 -0.35 27.97 -4.57
N GLU B 101 -0.19 26.73 -4.16
CA GLU B 101 -0.88 26.22 -2.98
C GLU B 101 -0.37 26.88 -1.70
N LEU B 102 0.93 27.10 -1.64
CA LEU B 102 1.53 27.71 -0.46
C LEU B 102 1.01 29.13 -0.25
N LYS B 103 0.77 29.85 -1.36
CA LYS B 103 0.45 31.27 -1.26
C LYS B 103 -0.98 31.54 -0.76
N LYS B 104 -1.75 30.47 -0.59
CA LYS B 104 -3.07 30.57 0.02
C LYS B 104 -2.97 30.78 1.54
N GLU B 105 -1.81 30.45 2.10
CA GLU B 105 -1.54 30.67 3.53
C GLU B 105 -2.58 30.06 4.48
N GLU B 106 -3.25 28.99 4.03
CA GLU B 106 -4.16 28.24 4.89
C GLU B 106 -3.40 27.57 6.04
N TYR B 107 -4.04 27.46 7.21
CA TYR B 107 -3.41 26.83 8.37
C TYR B 107 -3.72 25.33 8.49
N HIS B 108 -2.66 24.53 8.34
CA HIS B 108 -2.74 23.08 8.43
C HIS B 108 -1.30 22.56 8.53
N PRO B 109 -0.74 22.57 9.74
CA PRO B 109 0.70 22.36 9.94
C PRO B 109 1.29 21.22 9.12
N GLU B 110 0.66 20.04 9.16
CA GLU B 110 1.21 18.87 8.49
C GLU B 110 1.22 19.04 6.97
N PHE B 111 0.16 19.62 6.42
CA PHE B 111 0.11 19.80 4.98
C PHE B 111 1.06 20.93 4.58
N GLN B 112 1.13 21.96 5.43
N GLN B 112 1.15 21.97 5.42
CA GLN B 112 2.08 23.05 5.27
CA GLN B 112 2.10 23.04 5.17
C GLN B 112 3.48 22.49 5.09
C GLN B 112 3.51 22.48 5.07
N GLN B 113 3.89 21.67 6.05
CA GLN B 113 5.21 21.05 6.06
C GLN B 113 5.48 20.27 4.80
N PHE B 114 4.49 19.48 4.35
CA PHE B 114 4.68 18.70 3.15
C PHE B 114 4.94 19.65 1.97
N LEU B 115 4.12 20.69 1.85
CA LEU B 115 4.35 21.73 0.84
C LEU B 115 5.77 22.36 0.88
N GLN B 116 6.19 22.82 2.03
CA GLN B 116 7.50 23.45 2.14
C GLN B 116 8.61 22.46 1.80
N TRP B 117 8.50 21.23 2.32
CA TRP B 117 9.47 20.19 2.05
C TRP B 117 9.65 20.03 0.52
N GLN B 118 8.54 19.87 -0.19
CA GLN B 118 8.60 19.66 -1.64
C GLN B 118 9.07 20.92 -2.40
N TYR B 119 8.66 22.09 -1.93
CA TYR B 119 9.05 23.35 -2.56
C TYR B 119 10.57 23.57 -2.50
N TYR B 120 11.16 23.36 -1.32
CA TYR B 120 12.61 23.50 -1.12
C TYR B 120 13.41 22.52 -1.98
N VAL B 121 12.98 21.24 -2.00
CA VAL B 121 13.67 20.24 -2.80
C VAL B 121 13.63 20.64 -4.27
N ALA B 122 12.46 21.08 -4.73
CA ALA B 122 12.32 21.53 -6.10
C ALA B 122 13.20 22.77 -6.36
N ALA B 123 13.19 23.71 -5.42
CA ALA B 123 14.00 24.92 -5.54
C ALA B 123 15.47 24.53 -5.63
N TYR B 124 15.85 23.55 -4.82
CA TYR B 124 17.21 23.05 -4.82
C TYR B 124 17.58 22.37 -6.14
N VAL B 125 16.66 21.60 -6.71
CA VAL B 125 17.03 20.85 -7.90
C VAL B 125 17.10 21.76 -9.10
N LEU B 126 16.27 22.80 -9.09
CA LEU B 126 16.23 23.75 -10.19
C LEU B 126 17.35 24.78 -10.03
N LYS B 127 18.15 24.64 -8.98
CA LYS B 127 19.30 25.52 -8.75
C LYS B 127 18.91 26.96 -8.45
N LYS B 128 17.71 27.14 -7.90
CA LYS B 128 17.24 28.44 -7.47
C LYS B 128 17.79 28.77 -6.09
N VAL B 129 18.22 27.73 -5.40
CA VAL B 129 18.80 27.90 -4.07
C VAL B 129 19.95 26.91 -3.89
N ASP B 130 20.92 27.24 -3.04
CA ASP B 130 22.11 26.40 -2.90
C ASP B 130 21.86 25.29 -1.90
N TYR B 131 22.64 24.23 -2.03
CA TYR B 131 22.45 23.03 -1.24
C TYR B 131 22.44 23.27 0.27
N GLU B 132 23.24 24.22 0.72
CA GLU B 132 23.37 24.49 2.15
C GLU B 132 22.14 25.18 2.73
N TYR B 133 21.54 26.07 1.95
CA TYR B 133 20.36 26.77 2.39
C TYR B 133 19.17 25.79 2.43
N CYS B 134 19.05 24.98 1.39
CA CYS B 134 18.01 23.94 1.36
C CYS B 134 18.08 23.00 2.59
N ILE B 135 19.25 22.44 2.85
CA ILE B 135 19.48 21.59 4.02
C ILE B 135 19.03 22.28 5.33
N LEU B 136 19.42 23.54 5.49
CA LEU B 136 19.04 24.29 6.70
C LEU B 136 17.52 24.48 6.83
N GLU B 137 16.85 24.77 5.73
CA GLU B 137 15.42 24.92 5.72
C GLU B 137 14.74 23.59 6.02
N LEU B 138 15.22 22.50 5.42
CA LEU B 138 14.70 21.18 5.77
C LEU B 138 14.90 20.85 7.25
N LYS B 139 16.09 21.15 7.80
CA LYS B 139 16.32 20.90 9.21
C LYS B 139 15.33 21.67 10.09
N LYS B 140 14.92 22.85 9.62
CA LYS B 140 13.96 23.66 10.36
C LYS B 140 12.56 23.01 10.41
N LEU B 141 12.17 22.36 9.32
CA LEU B 141 10.94 21.58 9.32
C LEU B 141 11.07 20.45 10.33
N LEU B 142 12.22 19.78 10.40
CA LEU B 142 12.38 18.69 11.38
C LEU B 142 12.24 19.25 12.78
N ASN B 143 12.86 20.41 12.99
CA ASN B 143 12.86 21.05 14.32
C ASN B 143 11.47 21.47 14.78
N GLN B 144 10.50 21.46 13.85
CA GLN B 144 9.09 21.65 14.20
C GLN B 144 8.59 20.55 15.15
N GLN B 145 9.24 19.39 15.11
CA GLN B 145 8.81 18.26 15.93
C GLN B 145 7.32 18.02 15.65
N LEU B 146 6.97 18.11 14.37
CA LEU B 146 5.58 18.03 13.94
C LEU B 146 5.08 16.60 14.06
N THR B 147 3.89 16.44 14.64
CA THR B 147 3.28 15.13 14.84
C THR B 147 2.61 14.61 13.55
N GLY B 148 1.29 14.79 13.43
CA GLY B 148 0.59 14.53 12.18
C GLY B 148 0.12 13.10 11.88
N ILE B 149 -0.70 13.00 10.85
CA ILE B 149 -1.25 11.72 10.41
C ILE B 149 -0.19 10.87 9.73
N ASP B 150 0.50 11.43 8.74
CA ASP B 150 1.57 10.71 8.04
C ASP B 150 2.78 10.57 8.95
N VAL B 151 2.91 9.37 9.50
CA VAL B 151 3.91 9.03 10.48
C VAL B 151 5.35 9.08 9.90
N TYR B 152 5.49 9.11 8.57
CA TYR B 152 6.80 8.98 7.92
C TYR B 152 7.43 10.28 7.40
N GLN B 153 6.65 11.36 7.45
CA GLN B 153 7.03 12.63 6.81
C GLN B 153 8.40 13.17 7.25
N ASN B 154 8.68 13.17 8.55
CA ASN B 154 10.00 13.53 9.05
C ASN B 154 11.14 12.70 8.44
N LEU B 155 10.92 11.40 8.29
CA LEU B 155 11.89 10.51 7.67
C LEU B 155 12.06 10.79 6.17
N TYR B 156 10.97 11.14 5.50
CA TYR B 156 11.03 11.59 4.12
C TYR B 156 11.92 12.84 3.97
N ILE B 157 11.80 13.75 4.92
CA ILE B 157 12.61 14.96 4.93
C ILE B 157 14.08 14.62 5.22
N GLU B 158 14.30 13.76 6.21
CA GLU B 158 15.63 13.21 6.45
C GLU B 158 16.29 12.57 5.21
N ASN B 159 15.49 11.86 4.41
CA ASN B 159 16.02 11.22 3.22
C ASN B 159 16.48 12.28 2.23
N ALA B 160 15.66 13.32 2.09
CA ALA B 160 16.03 14.48 1.25
C ALA B 160 17.36 15.13 1.70
N ILE B 161 17.46 15.48 2.98
CA ILE B 161 18.71 15.99 3.53
C ILE B 161 19.90 15.06 3.22
N ALA B 162 19.72 13.75 3.34
CA ALA B 162 20.83 12.83 3.13
C ALA B 162 21.28 12.78 1.68
N ASN B 163 20.32 12.76 0.76
CA ASN B 163 20.57 12.86 -0.68
C ASN B 163 21.42 14.08 -1.01
N ILE B 164 21.07 15.20 -0.41
CA ILE B 164 21.73 16.47 -0.68
C ILE B 164 23.18 16.51 -0.16
N TYR B 165 23.39 16.01 1.08
CA TYR B 165 24.74 15.81 1.59
C TYR B 165 25.53 14.93 0.63
N ALA B 166 24.94 13.81 0.24
CA ALA B 166 25.62 12.85 -0.61
C ALA B 166 26.06 13.44 -1.94
N GLU B 167 25.18 14.15 -2.62
CA GLU B 167 25.55 14.60 -3.95
C GLU B 167 26.38 15.89 -3.95
N ASN B 168 26.62 16.45 -2.77
CA ASN B 168 27.49 17.60 -2.63
C ASN B 168 28.81 17.29 -1.91
N GLY B 169 29.29 16.04 -2.01
CA GLY B 169 30.58 15.66 -1.49
C GLY B 169 30.63 15.17 -0.05
N TYR B 170 29.54 15.36 0.69
CA TYR B 170 29.46 14.94 2.09
C TYR B 170 28.99 13.50 2.29
N LEU B 171 29.70 12.57 1.64
CA LEU B 171 29.37 11.15 1.69
C LEU B 171 29.25 10.60 3.10
N LYS B 172 30.16 11.00 3.97
CA LYS B 172 30.16 10.45 5.31
C LYS B 172 28.91 10.92 6.05
N LYS B 173 28.58 12.20 5.93
CA LYS B 173 27.39 12.66 6.61
C LYS B 173 26.12 12.06 5.97
N GLY B 174 26.13 11.92 4.64
CA GLY B 174 25.02 11.29 3.94
C GLY B 174 24.81 9.84 4.35
N ILE B 175 25.86 9.04 4.21
CA ILE B 175 25.83 7.63 4.61
C ILE B 175 25.36 7.44 6.05
N ASP B 176 25.90 8.23 6.97
N ASP B 176 25.88 8.24 6.97
CA ASP B 176 25.46 8.15 8.36
CA ASP B 176 25.49 8.15 8.36
C ASP B 176 23.96 8.39 8.49
C ASP B 176 24.02 8.50 8.61
N LEU B 177 23.46 9.44 7.85
CA LEU B 177 22.07 9.80 7.98
C LEU B 177 21.18 8.72 7.32
N PHE B 178 21.62 8.15 6.22
CA PHE B 178 20.92 7.00 5.66
C PHE B 178 20.81 5.87 6.69
N GLU B 179 21.92 5.56 7.35
CA GLU B 179 21.91 4.50 8.36
C GLU B 179 20.93 4.84 9.49
N GLN B 180 20.93 6.08 9.96
CA GLN B 180 19.95 6.44 10.98
C GLN B 180 18.54 6.19 10.49
N ILE B 181 18.22 6.61 9.27
CA ILE B 181 16.87 6.41 8.71
C ILE B 181 16.45 4.93 8.72
N LEU B 182 17.27 4.06 8.13
CA LEU B 182 16.99 2.63 8.12
C LEU B 182 16.75 2.06 9.51
N LYS B 183 17.49 2.58 10.48
CA LYS B 183 17.35 2.18 11.86
C LYS B 183 16.03 2.64 12.46
N GLN B 184 15.63 3.89 12.17
CA GLN B 184 14.34 4.40 12.61
C GLN B 184 13.15 3.64 12.00
N LEU B 185 13.32 3.13 10.76
CA LEU B 185 12.25 2.36 10.10
C LEU B 185 11.94 1.02 10.74
N GLU B 186 12.98 0.32 11.19
CA GLU B 186 12.79 -0.98 11.82
C GLU B 186 11.92 -0.85 13.07
N ALA B 187 11.98 0.32 13.70
CA ALA B 187 11.17 0.65 14.86
C ALA B 187 9.72 1.00 14.52
N LEU B 188 9.50 1.65 13.37
CA LEU B 188 8.16 2.01 12.95
C LEU B 188 7.48 0.87 12.18
N HIS B 189 6.15 0.93 12.09
CA HIS B 189 5.40 0.01 11.26
C HIS B 189 5.94 -0.03 9.82
N ASP B 190 5.61 -1.09 9.11
CA ASP B 190 6.21 -1.32 7.82
C ASP B 190 5.83 -0.29 6.74
N ASN B 191 6.87 0.21 6.10
CA ASN B 191 6.76 1.07 4.94
C ASN B 191 7.88 0.59 4.03
N GLU B 192 7.64 -0.55 3.41
CA GLU B 192 8.70 -1.22 2.68
C GLU B 192 9.10 -0.50 1.38
N GLU B 193 8.16 0.19 0.74
CA GLU B 193 8.55 1.02 -0.40
C GLU B 193 9.55 2.10 -0.02
N PHE B 194 9.27 2.82 1.06
CA PHE B 194 10.23 3.79 1.57
C PHE B 194 11.60 3.15 1.88
N ASP B 195 11.57 2.03 2.58
CA ASP B 195 12.76 1.25 2.88
C ASP B 195 13.57 0.98 1.61
N VAL B 196 12.89 0.68 0.51
CA VAL B 196 13.57 0.41 -0.74
C VAL B 196 14.22 1.66 -1.30
N LYS B 197 13.57 2.79 -1.08
CA LYS B 197 14.08 4.02 -1.64
C LYS B 197 15.35 4.42 -0.84
N VAL B 198 15.26 4.37 0.47
CA VAL B 198 16.40 4.72 1.30
C VAL B 198 17.61 3.86 0.96
N ARG B 199 17.42 2.55 0.82
CA ARG B 199 18.54 1.66 0.51
C ARG B 199 19.15 1.97 -0.85
N TYR B 200 18.29 2.41 -1.77
CA TYR B 200 18.76 2.82 -3.08
C TYR B 200 19.64 4.07 -3.02
N ASN B 201 19.16 5.11 -2.33
CA ASN B 201 19.93 6.33 -2.18
C ASN B 201 21.26 6.00 -1.49
N HIS B 202 21.18 5.26 -0.39
CA HIS B 202 22.35 4.72 0.34
C HIS B 202 23.32 3.97 -0.58
N ALA B 203 22.79 3.11 -1.45
CA ALA B 203 23.63 2.37 -2.37
C ALA B 203 24.36 3.34 -3.29
N LYS B 204 23.68 4.42 -3.71
CA LYS B 204 24.31 5.42 -4.55
C LYS B 204 25.46 6.14 -3.81
N ALA B 205 25.23 6.49 -2.56
CA ALA B 205 26.25 7.15 -1.76
C ALA B 205 27.50 6.24 -1.55
N LEU B 206 27.26 5.01 -1.07
CA LEU B 206 28.27 3.98 -0.93
C LEU B 206 29.11 3.84 -2.20
N TYR B 207 28.45 3.78 -3.34
CA TYR B 207 29.17 3.69 -4.62
C TYR B 207 30.05 4.92 -4.87
N LEU B 208 29.53 6.10 -4.59
CA LEU B 208 30.31 7.32 -4.74
C LEU B 208 31.50 7.35 -3.79
N ASP B 209 31.40 6.62 -2.67
CA ASP B 209 32.50 6.52 -1.72
C ASP B 209 33.41 5.33 -2.05
N SER B 210 33.15 4.70 -3.18
CA SER B 210 33.94 3.57 -3.68
C SER B 210 33.75 2.28 -2.89
N ARG B 211 32.74 2.25 -2.02
CA ARG B 211 32.42 1.05 -1.26
C ARG B 211 31.49 0.14 -2.08
N TYR B 212 32.05 -0.42 -3.14
CA TYR B 212 31.29 -1.15 -4.14
C TYR B 212 30.56 -2.38 -3.61
N GLU B 213 31.21 -3.12 -2.72
CA GLU B 213 30.61 -4.31 -2.17
C GLU B 213 29.41 -4.00 -1.27
N GLU B 214 29.54 -2.97 -0.45
CA GLU B 214 28.43 -2.58 0.39
C GLU B 214 27.28 -1.99 -0.44
N SER B 215 27.63 -1.32 -1.54
CA SER B 215 26.64 -0.75 -2.43
C SER B 215 25.79 -1.89 -2.99
N LEU B 216 26.46 -2.85 -3.63
CA LEU B 216 25.81 -4.03 -4.17
C LEU B 216 24.95 -4.76 -3.14
N TYR B 217 25.44 -4.80 -1.90
CA TYR B 217 24.70 -5.42 -0.81
C TYR B 217 23.35 -4.75 -0.63
N GLN B 218 23.35 -3.41 -0.58
CA GLN B 218 22.12 -2.66 -0.43
C GLN B 218 21.21 -2.79 -1.65
N VAL B 219 21.80 -2.79 -2.83
CA VAL B 219 21.02 -2.93 -4.04
C VAL B 219 20.25 -4.25 -4.03
N ASN B 220 20.97 -5.35 -3.77
CA ASN B 220 20.39 -6.68 -3.81
C ASN B 220 19.35 -6.88 -2.73
N LYS B 221 19.60 -6.28 -1.57
CA LYS B 221 18.61 -6.28 -0.51
C LYS B 221 17.35 -5.52 -0.97
N ALA B 222 17.54 -4.34 -1.55
CA ALA B 222 16.44 -3.52 -2.05
C ALA B 222 15.68 -4.21 -3.20
N ILE B 223 16.39 -4.88 -4.10
CA ILE B 223 15.77 -5.67 -5.14
C ILE B 223 14.95 -6.86 -4.60
N GLU B 224 15.44 -7.48 -3.54
N GLU B 224 15.44 -7.48 -3.54
CA GLU B 224 14.72 -8.60 -2.94
CA GLU B 224 14.73 -8.59 -2.91
C GLU B 224 13.42 -8.14 -2.27
C GLU B 224 13.41 -8.11 -2.32
N ILE B 225 13.49 -7.04 -1.52
CA ILE B 225 12.28 -6.42 -0.97
C ILE B 225 11.31 -6.00 -2.08
N SER B 226 11.86 -5.47 -3.17
CA SER B 226 11.04 -4.99 -4.26
C SER B 226 10.22 -6.14 -4.85
N CYS B 227 10.89 -7.24 -5.18
CA CYS B 227 10.20 -8.44 -5.67
C CYS B 227 9.19 -9.04 -4.68
N ARG B 228 9.52 -9.03 -3.40
CA ARG B 228 8.65 -9.60 -2.38
C ARG B 228 7.35 -8.80 -2.23
N ILE B 229 7.45 -7.48 -2.33
CA ILE B 229 6.26 -6.65 -2.18
C ILE B 229 5.62 -6.29 -3.53
N ASN B 230 6.21 -6.80 -4.61
CA ASN B 230 5.69 -6.57 -5.94
C ASN B 230 5.69 -5.10 -6.39
N SER B 231 6.72 -4.36 -5.99
CA SER B 231 6.91 -2.97 -6.39
C SER B 231 7.87 -2.80 -7.58
N MET B 232 7.49 -1.93 -8.52
CA MET B 232 8.32 -1.60 -9.67
C MET B 232 8.89 -0.20 -9.49
N ALA B 233 8.52 0.47 -8.41
CA ALA B 233 8.81 1.90 -8.27
C ALA B 233 10.29 2.23 -8.55
N LEU B 234 11.17 1.44 -7.96
CA LEU B 234 12.59 1.72 -7.97
C LEU B 234 13.41 0.59 -8.61
N ILE B 235 12.75 -0.41 -9.19
CA ILE B 235 13.43 -1.65 -9.55
C ILE B 235 14.32 -1.55 -10.80
N GLY B 236 13.93 -0.73 -11.76
CA GLY B 236 14.80 -0.43 -12.89
C GLY B 236 16.08 0.27 -12.45
N GLN B 237 15.94 1.32 -11.65
CA GLN B 237 17.08 2.04 -11.10
C GLN B 237 18.00 1.08 -10.33
N LEU B 238 17.39 0.20 -9.53
CA LEU B 238 18.15 -0.78 -8.76
C LEU B 238 18.96 -1.70 -9.66
N TYR B 239 18.36 -2.18 -10.75
CA TYR B 239 19.09 -3.06 -11.67
C TYR B 239 20.24 -2.34 -12.36
N TYR B 240 20.01 -1.08 -12.72
CA TYR B 240 21.03 -0.24 -13.29
C TYR B 240 22.18 -0.13 -12.30
N GLN B 241 21.85 0.25 -11.07
CA GLN B 241 22.83 0.38 -10.02
C GLN B 241 23.56 -0.94 -9.75
N ARG B 242 22.85 -2.06 -9.87
CA ARG B 242 23.46 -3.37 -9.68
C ARG B 242 24.48 -3.59 -10.78
N GLY B 243 24.14 -3.18 -12.00
CA GLY B 243 25.06 -3.24 -13.11
C GLY B 243 26.30 -2.40 -12.83
N GLU B 244 26.11 -1.19 -12.34
CA GLU B 244 27.23 -0.32 -11.96
C GLU B 244 28.23 -1.03 -11.02
N CYS B 245 27.72 -1.63 -9.94
CA CYS B 245 28.59 -2.26 -8.96
C CYS B 245 29.27 -3.50 -9.55
N LEU B 246 28.51 -4.26 -10.33
CA LEU B 246 29.03 -5.48 -10.92
C LEU B 246 30.25 -5.14 -11.78
N ARG B 247 30.15 -4.07 -12.55
CA ARG B 247 31.27 -3.57 -13.35
C ARG B 247 32.50 -3.27 -12.47
N LYS B 248 32.33 -2.46 -11.44
CA LYS B 248 33.45 -2.08 -10.57
C LYS B 248 34.11 -3.28 -9.87
N LEU B 249 33.30 -4.29 -9.55
CA LEU B 249 33.78 -5.47 -8.85
C LEU B 249 34.32 -6.51 -9.84
N GLU B 250 34.29 -6.15 -11.13
CA GLU B 250 34.90 -6.96 -12.18
C GLU B 250 34.30 -8.35 -12.36
N TYR B 251 32.98 -8.42 -12.31
CA TYR B 251 32.21 -9.63 -12.63
C TYR B 251 32.28 -9.94 -14.12
N GLU B 252 31.76 -11.10 -14.50
CA GLU B 252 31.78 -11.48 -15.90
C GLU B 252 30.83 -10.61 -16.72
N GLU B 253 31.21 -10.33 -17.95
CA GLU B 253 30.48 -9.35 -18.76
C GLU B 253 29.01 -9.71 -18.91
N ALA B 254 28.70 -11.00 -18.87
CA ALA B 254 27.33 -11.43 -19.10
C ALA B 254 26.47 -11.14 -17.88
N GLU B 255 27.05 -11.29 -16.70
CA GLU B 255 26.34 -10.89 -15.49
C GLU B 255 26.07 -9.37 -15.52
N ILE B 256 27.09 -8.60 -15.90
CA ILE B 256 26.95 -7.15 -15.98
C ILE B 256 25.86 -6.75 -16.98
N GLU B 257 25.91 -7.31 -18.17
CA GLU B 257 24.96 -6.99 -19.22
C GLU B 257 23.53 -7.36 -18.81
N ASP B 258 23.41 -8.43 -18.03
CA ASP B 258 22.11 -8.86 -17.53
C ASP B 258 21.42 -7.75 -16.74
N ALA B 259 22.11 -7.21 -15.75
CA ALA B 259 21.52 -6.17 -14.92
C ALA B 259 21.09 -4.98 -15.77
N TYR B 260 21.93 -4.55 -16.69
CA TYR B 260 21.62 -3.42 -17.57
C TYR B 260 20.44 -3.68 -18.51
N LYS B 261 20.31 -4.90 -19.02
CA LYS B 261 19.16 -5.26 -19.86
C LYS B 261 17.86 -5.22 -19.06
N LYS B 262 17.91 -5.75 -17.85
CA LYS B 262 16.78 -5.70 -16.94
C LYS B 262 16.34 -4.26 -16.64
N ALA B 263 17.30 -3.35 -16.47
CA ALA B 263 16.97 -1.94 -16.22
C ALA B 263 16.31 -1.33 -17.44
N SER B 264 16.88 -1.63 -18.60
CA SER B 264 16.36 -1.15 -19.86
C SER B 264 14.91 -1.61 -20.04
N PHE B 265 14.61 -2.82 -19.58
CA PHE B 265 13.25 -3.34 -19.66
C PHE B 265 12.25 -2.46 -18.90
N PHE B 266 12.54 -2.17 -17.64
CA PHE B 266 11.63 -1.39 -16.80
C PHE B 266 11.55 0.06 -17.22
N PHE B 267 12.66 0.61 -17.72
CA PHE B 267 12.63 1.98 -18.21
C PHE B 267 11.69 2.07 -19.41
N ASP B 268 11.72 1.06 -20.27
N ASP B 268 11.73 1.08 -20.29
CA ASP B 268 10.89 1.04 -21.46
CA ASP B 268 10.86 1.05 -21.46
C ASP B 268 9.40 0.98 -21.14
C ASP B 268 9.40 1.06 -21.01
N ILE B 269 8.97 -0.01 -20.35
CA ILE B 269 7.55 -0.15 -20.03
C ILE B 269 7.01 0.89 -19.07
N LEU B 270 7.85 1.42 -18.19
CA LEU B 270 7.40 2.48 -17.30
C LEU B 270 7.60 3.86 -17.94
N GLU B 271 8.13 3.87 -19.16
CA GLU B 271 8.26 5.12 -19.90
C GLU B 271 9.11 6.14 -19.16
N MET B 272 10.21 5.67 -18.57
CA MET B 272 11.15 6.55 -17.88
C MET B 272 12.18 7.06 -18.91
N HIS B 273 11.78 8.06 -19.70
CA HIS B 273 12.58 8.51 -20.83
C HIS B 273 13.90 9.13 -20.41
N ALA B 274 13.84 10.03 -19.42
CA ALA B 274 15.04 10.58 -18.81
C ALA B 274 16.11 9.47 -18.59
N TYR B 275 15.77 8.49 -17.76
CA TYR B 275 16.69 7.42 -17.34
C TYR B 275 17.31 6.65 -18.50
N LYS B 276 16.67 6.65 -19.66
CA LYS B 276 17.16 5.86 -20.78
C LYS B 276 18.50 6.38 -21.30
N GLU B 277 18.72 7.66 -21.09
CA GLU B 277 19.97 8.29 -21.48
C GLU B 277 21.16 7.56 -20.85
N ALA B 278 21.09 7.36 -19.54
CA ALA B 278 22.18 6.73 -18.80
C ALA B 278 22.56 5.34 -19.31
N LEU B 279 21.74 4.76 -20.18
CA LEU B 279 21.99 3.40 -20.61
C LEU B 279 22.81 3.28 -21.90
N VAL B 280 23.32 4.41 -22.38
CA VAL B 280 24.20 4.42 -23.55
C VAL B 280 25.51 3.67 -23.31
N ASN B 281 25.89 2.86 -24.29
CA ASN B 281 27.13 2.08 -24.24
C ASN B 281 27.15 1.03 -23.13
N LYS B 282 26.10 0.20 -23.09
CA LYS B 282 26.04 -0.96 -22.21
C LYS B 282 24.69 -1.67 -22.35
N ALA C 1 -5.72 -22.12 -21.96
CA ALA C 1 -6.25 -21.39 -20.83
C ALA C 1 -5.43 -21.76 -19.61
N ASP C 2 -4.12 -21.83 -19.81
CA ASP C 2 -3.24 -22.46 -18.85
C ASP C 2 -3.08 -21.69 -17.53
N LEU C 3 -3.23 -20.36 -17.57
CA LEU C 3 -3.06 -19.59 -16.33
C LEU C 3 -4.30 -19.69 -15.45
N PRO C 4 -4.10 -19.86 -14.13
CA PRO C 4 -5.22 -19.97 -13.19
C PRO C 4 -5.89 -18.63 -12.95
N PHE C 5 -7.10 -18.68 -12.43
CA PHE C 5 -7.78 -17.50 -11.90
C PHE C 5 -7.06 -17.07 -10.62
N GLU C 6 -7.04 -15.77 -10.34
CA GLU C 6 -6.33 -15.25 -9.17
C GLU C 6 -7.31 -15.02 -8.03
N PHE C 7 -7.17 -15.83 -6.98
CA PHE C 7 -8.00 -15.74 -5.80
C PHE C 7 -7.47 -14.71 -4.79
N ALA D 1 27.46 8.73 -13.36
CA ALA D 1 26.55 8.75 -12.22
C ALA D 1 25.24 9.36 -12.68
N ASP D 2 24.82 9.00 -13.89
CA ASP D 2 23.75 9.72 -14.55
C ASP D 2 22.36 9.68 -13.87
N LEU D 3 22.04 8.61 -13.13
CA LEU D 3 20.74 8.57 -12.44
C LEU D 3 20.71 9.47 -11.21
N PRO D 4 19.58 10.16 -11.00
CA PRO D 4 19.43 11.08 -9.87
C PRO D 4 19.19 10.33 -8.56
N PHE D 5 19.38 11.04 -7.46
CA PHE D 5 18.91 10.56 -6.18
C PHE D 5 17.38 10.64 -6.17
N GLU D 6 16.74 9.77 -5.39
CA GLU D 6 15.29 9.68 -5.35
C GLU D 6 14.73 10.37 -4.11
N PHE D 7 14.16 11.54 -4.31
CA PHE D 7 13.60 12.34 -3.23
C PHE D 7 12.21 11.91 -2.73
CA CA G . -14.83 2.61 32.20
CA CA H . -19.27 18.58 23.25
#